data_4Q93
#
_entry.id   4Q93
#
_cell.length_a   73.966
_cell.length_b   162.550
_cell.length_c   35.014
_cell.angle_alpha   90.00
_cell.angle_beta   90.00
_cell.angle_gamma   90.00
#
_symmetry.space_group_name_H-M   'P 21 21 2'
#
loop_
_entity.id
_entity.type
_entity.pdbx_description
1 polymer 'Tyrosine--tRNA ligase, cytoplasmic'
2 non-polymer RESVERATROL
3 non-polymer 'SULFATE ION'
4 non-polymer 'CHLORIDE ION'
5 non-polymer GLYCEROL
6 non-polymer 'PHOSPHATE ION'
7 water water
#
_entity_poly.entity_id   1
_entity_poly.type   'polypeptide(L)'
_entity_poly.pdbx_seq_one_letter_code
;MGDAPSPEEKLHLITRNLQEVLGEEKLKEILKERELKIYWGTATTGKPHVAYFVPMSKIADFLKAGCEVTILFADLHAYL
DNMKAPWELLELRVSYYENVIKAMLESIGVPLEKLKFIKGTDYQLSKEYTLDVYRLSSVVTQHDSKKAGAEVVKQVEHPL
LSGLLYPGLQALDEEYLKVDAQFGGIDQRKIFTFAEKYLPALGYSKRVHLMNPMVPGLTGSKMSSSEEESKIDLLDRKED
VKKKLKKAFCEPGNVENNGVLSFIKHVLFPLKSEFVILRDEKWGGNKTYTAYVDLEKDFAAEVVHPGDLKNSVEVALNKL
LDPIREKFNTPALKKLASAAYPDPSKQKPMAKGPAKNSEPEEVILEHHHHHH
;
_entity_poly.pdbx_strand_id   A
#
loop_
_chem_comp.id
_chem_comp.type
_chem_comp.name
_chem_comp.formula
CL non-polymer 'CHLORIDE ION' 'Cl -1'
GOL non-polymer GLYCEROL 'C3 H8 O3'
PO4 non-polymer 'PHOSPHATE ION' 'O4 P -3'
SO4 non-polymer 'SULFATE ION' 'O4 S -2'
STL non-polymer RESVERATROL 'C14 H12 O3'
#
# COMPACT_ATOMS: atom_id res chain seq x y z
N ALA A 4 19.92 -5.69 -16.30
CA ALA A 4 20.55 -4.55 -15.61
C ALA A 4 19.45 -3.58 -15.20
N PRO A 5 18.49 -4.04 -14.37
CA PRO A 5 18.45 -5.25 -13.56
C PRO A 5 17.98 -6.57 -14.27
N SER A 6 18.60 -7.67 -13.93
CA SER A 6 18.24 -8.98 -14.49
C SER A 6 16.83 -9.40 -14.08
N PRO A 7 16.27 -10.43 -14.70
CA PRO A 7 15.01 -10.98 -14.18
C PRO A 7 15.06 -11.38 -12.67
N GLU A 8 16.21 -11.92 -12.20
CA GLU A 8 16.39 -12.35 -10.80
C GLU A 8 16.40 -11.13 -9.84
N GLU A 9 17.02 -10.05 -10.25
CA GLU A 9 17.01 -8.77 -9.55
CA GLU A 9 16.98 -8.85 -9.41
C GLU A 9 15.62 -8.16 -9.51
N LYS A 10 14.96 -8.17 -10.63
CA LYS A 10 13.57 -7.68 -10.68
CA LYS A 10 13.57 -7.67 -10.65
C LYS A 10 12.72 -8.44 -9.65
N LEU A 11 12.75 -9.76 -9.71
CA LEU A 11 11.92 -10.58 -8.81
C LEU A 11 12.22 -10.27 -7.35
N HIS A 12 13.50 -10.17 -7.01
CA HIS A 12 13.90 -9.87 -5.69
C HIS A 12 13.28 -8.53 -5.26
N LEU A 13 13.36 -7.49 -6.08
CA LEU A 13 12.81 -6.19 -5.68
C LEU A 13 11.28 -6.20 -5.60
N ILE A 14 10.68 -6.85 -6.55
CA ILE A 14 9.25 -6.95 -6.57
C ILE A 14 8.74 -7.68 -5.35
N THR A 15 9.40 -8.77 -4.97
CA THR A 15 8.84 -9.67 -3.96
C THR A 15 9.41 -9.52 -2.55
N ARG A 16 10.39 -8.64 -2.33
CA ARG A 16 10.94 -8.52 -1.00
C ARG A 16 9.95 -7.89 -0.07
N ASN A 17 9.92 -8.33 1.18
CA ASN A 17 9.04 -7.72 2.15
C ASN A 17 7.58 -8.16 2.01
N LEU A 18 7.30 -9.08 1.09
CA LEU A 18 5.96 -9.66 1.05
C LEU A 18 5.80 -10.85 1.96
N GLN A 19 4.57 -11.03 2.41
CA GLN A 19 4.18 -12.19 3.15
C GLN A 19 3.95 -13.40 2.25
N GLU A 20 3.39 -13.19 1.07
CA GLU A 20 3.06 -14.33 0.20
C GLU A 20 2.95 -13.90 -1.26
N VAL A 21 3.45 -14.79 -2.10
CA VAL A 21 3.38 -14.69 -3.56
C VAL A 21 2.53 -15.85 -4.03
N LEU A 22 1.41 -15.54 -4.68
CA LEU A 22 0.68 -16.53 -5.51
C LEU A 22 1.03 -16.33 -6.98
N GLY A 23 1.36 -17.43 -7.67
CA GLY A 23 1.65 -17.36 -9.09
C GLY A 23 3.13 -17.18 -9.44
N GLU A 24 4.04 -17.71 -8.62
CA GLU A 24 5.49 -17.56 -8.92
C GLU A 24 5.86 -18.03 -10.36
N GLU A 25 5.24 -19.12 -10.78
CA GLU A 25 5.57 -19.69 -12.11
C GLU A 25 5.37 -18.66 -13.25
N LYS A 26 4.16 -18.11 -13.33
CA LYS A 26 3.85 -17.09 -14.33
C LYS A 26 4.64 -15.83 -14.11
N LEU A 27 4.86 -15.46 -12.86
CA LEU A 27 5.69 -14.30 -12.59
C LEU A 27 7.08 -14.42 -13.20
N LYS A 28 7.76 -15.55 -12.96
CA LYS A 28 9.07 -15.77 -13.59
C LYS A 28 9.05 -15.88 -15.13
N GLU A 29 7.99 -16.46 -15.68
CA GLU A 29 7.84 -16.45 -17.12
C GLU A 29 7.76 -15.08 -17.69
N ILE A 30 7.03 -14.16 -17.04
CA ILE A 30 6.91 -12.79 -17.54
C ILE A 30 8.24 -12.09 -17.46
N LEU A 31 8.88 -12.18 -16.30
CA LEU A 31 10.08 -11.40 -16.03
C LEU A 31 11.24 -11.85 -16.89
N LYS A 32 11.18 -13.08 -17.38
CA LYS A 32 12.15 -13.52 -18.39
C LYS A 32 12.07 -12.71 -19.68
N GLU A 33 10.87 -12.30 -20.07
CA GLU A 33 10.61 -11.66 -21.33
C GLU A 33 10.45 -10.14 -21.34
N ARG A 34 9.70 -9.59 -20.37
CA ARG A 34 9.21 -8.22 -20.46
C ARG A 34 8.94 -7.68 -19.05
N GLU A 35 8.45 -6.46 -18.96
CA GLU A 35 8.19 -5.83 -17.68
C GLU A 35 6.83 -6.32 -17.17
N LEU A 36 6.73 -6.48 -15.87
CA LEU A 36 5.48 -6.93 -15.25
C LEU A 36 4.49 -5.76 -15.25
N LYS A 37 3.22 -6.05 -15.49
CA LYS A 37 2.18 -5.06 -15.34
C LYS A 37 1.40 -5.34 -14.05
N ILE A 38 1.34 -4.35 -13.15
CA ILE A 38 0.76 -4.56 -11.88
C ILE A 38 -0.10 -3.38 -11.41
N TYR A 39 -1.15 -3.64 -10.64
CA TYR A 39 -1.86 -2.60 -9.97
C TYR A 39 -2.08 -2.82 -8.50
N TRP A 40 -2.44 -1.70 -7.87
CA TRP A 40 -2.84 -1.64 -6.47
C TRP A 40 -3.95 -0.64 -6.44
N GLY A 41 -4.98 -1.01 -5.67
CA GLY A 41 -6.18 -0.18 -5.48
C GLY A 41 -6.38 0.38 -4.11
N THR A 42 -6.92 1.58 -4.03
CA THR A 42 -7.26 2.13 -2.74
C THR A 42 -8.57 2.86 -2.84
N ALA A 43 -9.40 2.69 -1.83
CA ALA A 43 -10.67 3.43 -1.91
C ALA A 43 -10.39 4.83 -1.30
N THR A 44 -11.02 5.84 -1.87
CA THR A 44 -10.70 7.21 -1.57
C THR A 44 -11.70 7.74 -0.54
N THR A 45 -11.64 7.11 0.61
CA THR A 45 -12.40 7.44 1.84
C THR A 45 -11.35 7.51 2.97
N GLY A 46 -11.47 8.39 3.92
CA GLY A 46 -10.45 8.48 4.96
C GLY A 46 -9.20 9.17 4.43
N LYS A 47 -8.82 10.26 5.05
CA LYS A 47 -7.50 10.88 4.90
C LYS A 47 -6.34 9.87 5.08
N PRO A 48 -5.44 9.73 4.08
CA PRO A 48 -4.33 8.79 4.37
C PRO A 48 -3.29 9.34 5.34
N HIS A 49 -2.75 8.41 6.13
CA HIS A 49 -1.80 8.64 7.22
C HIS A 49 -0.48 7.94 6.94
N VAL A 50 0.50 8.00 7.84
CA VAL A 50 1.83 7.50 7.50
C VAL A 50 1.89 6.02 7.16
N ALA A 51 0.97 5.23 7.72
CA ALA A 51 0.90 3.81 7.41
C ALA A 51 0.76 3.53 5.92
N TYR A 52 0.32 4.53 5.15
CA TYR A 52 0.27 4.39 3.68
C TYR A 52 1.62 4.28 3.10
N PHE A 53 2.67 4.69 3.83
CA PHE A 53 3.97 4.38 3.31
C PHE A 53 4.23 2.89 3.17
N VAL A 54 3.55 2.04 3.90
CA VAL A 54 3.86 0.60 3.74
C VAL A 54 3.54 0.07 2.31
N PRO A 55 2.29 0.26 1.77
CA PRO A 55 2.04 -0.04 0.35
C PRO A 55 2.86 0.76 -0.67
N MET A 56 3.08 2.05 -0.39
CA MET A 56 3.81 2.90 -1.32
C MET A 56 5.24 2.49 -1.48
N SER A 57 5.84 1.98 -0.41
CA SER A 57 7.18 1.38 -0.54
C SER A 57 7.22 0.20 -1.49
N LYS A 58 6.19 -0.64 -1.50
CA LYS A 58 6.17 -1.71 -2.51
C LYS A 58 5.94 -1.19 -3.92
N ILE A 59 5.11 -0.19 -4.05
CA ILE A 59 4.91 0.48 -5.32
C ILE A 59 6.18 1.11 -5.80
N ALA A 60 6.97 1.76 -4.92
CA ALA A 60 8.29 2.28 -5.35
C ALA A 60 9.20 1.13 -5.84
N ASP A 61 9.23 -0.01 -5.13
CA ASP A 61 10.02 -1.21 -5.59
C ASP A 61 9.55 -1.68 -6.95
N PHE A 62 8.23 -1.75 -7.15
CA PHE A 62 7.77 -2.18 -8.47
C PHE A 62 8.30 -1.22 -9.54
N LEU A 63 8.11 0.09 -9.32
CA LEU A 63 8.62 1.08 -10.29
C LEU A 63 10.11 0.97 -10.52
N LYS A 64 10.90 0.78 -9.45
CA LYS A 64 12.36 0.68 -9.64
C LYS A 64 12.67 -0.57 -10.42
N ALA A 65 11.85 -1.59 -10.27
CA ALA A 65 12.09 -2.82 -11.01
C ALA A 65 12.07 -2.51 -12.50
N GLY A 66 11.20 -1.59 -12.88
CA GLY A 66 10.84 -1.38 -14.30
C GLY A 66 9.39 -1.76 -14.62
N CYS A 67 8.60 -2.14 -13.60
CA CYS A 67 7.20 -2.56 -13.83
C CYS A 67 6.38 -1.43 -14.33
N GLU A 68 5.35 -1.77 -15.11
CA GLU A 68 4.29 -0.84 -15.40
C GLU A 68 3.25 -0.91 -14.31
N VAL A 69 3.02 0.20 -13.61
CA VAL A 69 2.26 0.20 -12.41
C VAL A 69 1.06 1.10 -12.56
N THR A 70 -0.08 0.55 -12.27
CA THR A 70 -1.33 1.35 -12.19
C THR A 70 -1.77 1.49 -10.75
N ILE A 71 -2.20 2.68 -10.36
CA ILE A 71 -2.87 2.83 -9.12
C ILE A 71 -4.34 3.14 -9.46
N LEU A 72 -5.24 2.32 -8.92
CA LEU A 72 -6.68 2.51 -9.06
C LEU A 72 -7.21 3.25 -7.90
N PHE A 73 -7.85 4.35 -8.19
CA PHE A 73 -8.58 5.09 -7.12
C PHE A 73 -10.00 4.66 -7.19
N ALA A 74 -10.49 3.96 -6.17
CA ALA A 74 -11.77 3.26 -6.26
C ALA A 74 -12.86 4.16 -5.78
N ASP A 75 -13.18 5.15 -6.64
CA ASP A 75 -14.18 6.11 -6.31
C ASP A 75 -15.60 5.58 -6.33
N LEU A 76 -15.87 4.53 -7.08
CA LEU A 76 -17.24 3.93 -6.99
C LEU A 76 -17.47 3.31 -5.61
N HIS A 77 -16.51 2.58 -5.09
CA HIS A 77 -16.65 2.03 -3.74
C HIS A 77 -16.83 3.14 -2.71
N ALA A 78 -16.16 4.25 -2.94
CA ALA A 78 -16.30 5.40 -2.02
C ALA A 78 -17.71 5.96 -2.08
N TYR A 79 -18.24 6.14 -3.28
CA TYR A 79 -19.64 6.59 -3.41
C TYR A 79 -20.62 5.62 -2.69
N LEU A 80 -20.37 4.33 -2.84
CA LEU A 80 -21.22 3.33 -2.24
C LEU A 80 -21.11 3.18 -0.73
N ASP A 81 -20.19 3.89 -0.06
CA ASP A 81 -20.28 4.02 1.38
C ASP A 81 -21.24 5.12 1.71
N ASN A 82 -20.99 6.32 1.21
CA ASN A 82 -21.89 7.43 1.47
C ASN A 82 -22.47 8.16 0.24
N MET A 83 -23.67 7.73 -0.12
CA MET A 83 -24.37 8.28 -1.26
C MET A 83 -24.96 9.64 -1.01
N LYS A 84 -25.03 10.06 0.26
CA LYS A 84 -25.43 11.44 0.57
C LYS A 84 -24.21 12.36 0.62
N ALA A 85 -23.03 11.77 0.43
CA ALA A 85 -21.85 12.55 0.08
C ALA A 85 -21.90 12.85 -1.43
N PRO A 86 -21.88 14.15 -1.79
CA PRO A 86 -21.85 14.61 -3.21
C PRO A 86 -20.68 14.04 -4.08
N TRP A 87 -20.89 13.87 -5.38
CA TRP A 87 -19.83 13.43 -6.29
C TRP A 87 -18.66 14.43 -6.25
N GLU A 88 -19.00 15.68 -5.99
CA GLU A 88 -18.06 16.75 -5.90
C GLU A 88 -17.09 16.53 -4.71
N LEU A 89 -17.59 16.34 -3.50
CA LEU A 89 -16.70 16.03 -2.37
C LEU A 89 -15.88 14.76 -2.67
N LEU A 90 -16.50 13.73 -3.23
CA LEU A 90 -15.81 12.47 -3.53
C LEU A 90 -14.67 12.67 -4.48
N GLU A 91 -14.86 13.43 -5.54
CA GLU A 91 -13.83 13.65 -6.53
C GLU A 91 -12.72 14.58 -6.00
N LEU A 92 -13.05 15.53 -5.14
CA LEU A 92 -12.00 16.25 -4.42
C LEU A 92 -11.15 15.26 -3.55
N ARG A 93 -11.76 14.23 -2.98
CA ARG A 93 -10.98 13.29 -2.18
C ARG A 93 -10.13 12.48 -3.08
N VAL A 94 -10.64 12.25 -4.27
CA VAL A 94 -9.86 11.58 -5.27
C VAL A 94 -8.63 12.40 -5.64
N SER A 95 -8.77 13.71 -5.88
CA SER A 95 -7.56 14.50 -6.17
C SER A 95 -6.62 14.57 -4.99
N TYR A 96 -7.15 14.62 -3.76
CA TYR A 96 -6.32 14.72 -2.57
C TYR A 96 -5.48 13.45 -2.54
N TYR A 97 -6.11 12.30 -2.77
CA TYR A 97 -5.37 11.03 -2.78
C TYR A 97 -4.36 11.00 -3.87
N GLU A 98 -4.74 11.44 -5.06
CA GLU A 98 -3.81 11.43 -6.16
C GLU A 98 -2.58 12.28 -5.91
N ASN A 99 -2.80 13.49 -5.45
CA ASN A 99 -1.68 14.39 -5.07
C ASN A 99 -0.82 13.91 -3.94
N VAL A 100 -1.42 13.37 -2.91
CA VAL A 100 -0.64 12.88 -1.80
C VAL A 100 0.18 11.63 -2.18
N ILE A 101 -0.39 10.68 -2.93
CA ILE A 101 0.36 9.49 -3.46
C ILE A 101 1.53 9.90 -4.33
N LYS A 102 1.26 10.77 -5.27
CA LYS A 102 2.33 11.31 -6.06
C LYS A 102 3.43 11.97 -5.19
N ALA A 103 3.03 12.75 -4.20
CA ALA A 103 4.02 13.43 -3.36
C ALA A 103 4.86 12.40 -2.56
N MET A 104 4.19 11.38 -2.05
CA MET A 104 4.88 10.33 -1.37
C MET A 104 5.92 9.64 -2.22
N LEU A 105 5.49 9.20 -3.40
CA LEU A 105 6.43 8.58 -4.34
C LEU A 105 7.56 9.59 -4.76
N GLU A 106 7.26 10.84 -4.97
CA GLU A 106 8.31 11.81 -5.21
C GLU A 106 9.29 11.91 -4.05
N SER A 107 8.79 11.94 -2.83
CA SER A 107 9.64 12.00 -1.64
C SER A 107 10.55 10.82 -1.57
N ILE A 108 10.03 9.62 -1.80
CA ILE A 108 10.84 8.41 -1.83
C ILE A 108 11.89 8.46 -2.95
N GLY A 109 11.54 9.09 -4.08
CA GLY A 109 12.47 9.28 -5.20
C GLY A 109 12.44 8.09 -6.12
N VAL A 110 11.51 8.08 -7.06
CA VAL A 110 11.28 6.86 -7.85
C VAL A 110 10.85 7.36 -9.23
N PRO A 111 11.24 6.66 -10.27
CA PRO A 111 10.79 7.10 -11.64
C PRO A 111 9.29 6.85 -11.84
N LEU A 112 8.59 7.87 -12.34
CA LEU A 112 7.19 7.87 -12.49
C LEU A 112 6.78 7.66 -13.94
N GLU A 113 7.74 7.42 -14.80
CA GLU A 113 7.48 7.30 -16.22
C GLU A 113 6.43 6.21 -16.48
N LYS A 114 6.46 5.10 -15.74
CA LYS A 114 5.49 4.00 -16.00
C LYS A 114 4.38 3.89 -14.96
N LEU A 115 4.10 4.99 -14.25
CA LEU A 115 3.06 5.01 -13.30
C LEU A 115 1.84 5.57 -14.00
N LYS A 116 0.67 5.04 -13.68
CA LYS A 116 -0.59 5.55 -14.21
C LYS A 116 -1.60 5.64 -13.11
N PHE A 117 -2.42 6.68 -13.12
CA PHE A 117 -3.49 6.80 -12.18
C PHE A 117 -4.80 6.57 -12.92
N ILE A 118 -5.70 5.77 -12.37
CA ILE A 118 -7.02 5.57 -12.97
C ILE A 118 -8.06 5.55 -11.90
N LYS A 119 -9.22 6.10 -12.16
CA LYS A 119 -10.35 6.05 -11.23
C LYS A 119 -11.30 4.97 -11.65
N GLY A 120 -11.88 4.27 -10.71
CA GLY A 120 -12.87 3.25 -10.99
C GLY A 120 -13.97 3.72 -11.97
N THR A 121 -14.49 4.93 -11.78
CA THR A 121 -15.54 5.40 -12.61
C THR A 121 -15.09 5.66 -14.01
N ASP A 122 -13.80 5.65 -14.33
CA ASP A 122 -13.42 5.75 -15.72
C ASP A 122 -13.89 4.51 -16.54
N TYR A 123 -13.97 3.36 -15.92
CA TYR A 123 -14.36 2.16 -16.64
C TYR A 123 -15.44 1.32 -16.00
N GLN A 124 -15.68 1.45 -14.70
CA GLN A 124 -16.49 0.48 -14.01
C GLN A 124 -18.03 0.60 -14.26
N LEU A 125 -18.40 1.62 -15.02
CA LEU A 125 -19.78 1.79 -15.44
C LEU A 125 -19.93 1.67 -16.95
N SER A 126 -18.89 1.19 -17.63
CA SER A 126 -18.97 0.96 -19.02
C SER A 126 -19.77 -0.35 -19.26
N LYS A 127 -20.27 -0.46 -20.46
CA LYS A 127 -21.21 -1.47 -20.85
C LYS A 127 -20.53 -2.86 -20.85
N GLU A 128 -19.30 -2.95 -21.37
CA GLU A 128 -18.59 -4.25 -21.37
C GLU A 128 -18.25 -4.71 -19.94
N TYR A 129 -17.89 -3.77 -19.06
CA TYR A 129 -17.56 -4.16 -17.70
C TYR A 129 -18.83 -4.60 -16.96
N THR A 130 -19.86 -3.82 -17.11
CA THR A 130 -21.13 -4.15 -16.51
C THR A 130 -21.65 -5.49 -16.97
N LEU A 131 -21.60 -5.71 -18.25
CA LEU A 131 -21.99 -7.00 -18.69
C LEU A 131 -21.20 -8.11 -18.00
N ASP A 132 -19.89 -7.89 -17.82
CA ASP A 132 -19.08 -8.91 -17.16
C ASP A 132 -19.51 -9.10 -15.71
N VAL A 133 -19.88 -8.02 -15.06
CA VAL A 133 -20.44 -8.10 -13.71
C VAL A 133 -21.67 -9.02 -13.67
N TYR A 134 -22.58 -8.86 -14.62
CA TYR A 134 -23.68 -9.83 -14.75
C TYR A 134 -23.27 -11.25 -15.10
N ARG A 135 -22.31 -11.44 -15.97
CA ARG A 135 -21.88 -12.80 -16.23
C ARG A 135 -21.33 -13.48 -14.99
N LEU A 136 -20.46 -12.76 -14.28
CA LEU A 136 -19.91 -13.28 -13.02
C LEU A 136 -21.02 -13.63 -12.03
N SER A 137 -22.01 -12.74 -11.90
CA SER A 137 -23.09 -12.96 -10.99
C SER A 137 -23.88 -14.20 -11.29
N SER A 138 -23.85 -14.68 -12.53
CA SER A 138 -24.60 -15.88 -12.88
C SER A 138 -23.74 -17.11 -12.75
N VAL A 139 -22.48 -16.96 -12.31
CA VAL A 139 -21.66 -18.14 -11.98
C VAL A 139 -21.17 -18.17 -10.54
N VAL A 140 -21.13 -17.05 -9.85
CA VAL A 140 -20.70 -17.04 -8.47
C VAL A 140 -21.90 -17.28 -7.58
N THR A 141 -21.76 -18.13 -6.55
CA THR A 141 -22.76 -18.25 -5.50
C THR A 141 -22.64 -17.14 -4.49
N GLN A 142 -23.77 -16.88 -3.83
CA GLN A 142 -23.82 -15.91 -2.77
C GLN A 142 -22.86 -16.35 -1.68
N HIS A 143 -22.72 -17.65 -1.51
CA HIS A 143 -21.86 -18.24 -0.47
C HIS A 143 -20.38 -17.93 -0.74
N ASP A 144 -19.96 -18.15 -1.98
CA ASP A 144 -18.57 -17.84 -2.37
C ASP A 144 -18.28 -16.37 -2.34
N SER A 145 -19.28 -15.55 -2.62
CA SER A 145 -19.07 -14.13 -2.55
C SER A 145 -18.95 -13.65 -1.11
N LYS A 146 -19.78 -14.24 -0.25
CA LYS A 146 -19.77 -13.81 1.14
C LYS A 146 -18.43 -14.17 1.81
N LYS A 147 -17.98 -15.38 1.53
CA LYS A 147 -16.76 -15.84 2.12
C LYS A 147 -15.54 -15.09 1.55
N ALA A 148 -15.64 -14.60 0.32
CA ALA A 148 -14.53 -13.89 -0.29
C ALA A 148 -14.37 -12.58 0.40
N GLY A 149 -15.47 -11.94 0.77
CA GLY A 149 -15.45 -10.56 1.29
C GLY A 149 -15.26 -10.45 2.80
N ALA A 150 -15.23 -11.58 3.47
CA ALA A 150 -15.35 -11.58 4.95
C ALA A 150 -14.37 -10.65 5.70
N GLU A 151 -13.10 -10.67 5.33
CA GLU A 151 -12.08 -9.85 6.02
C GLU A 151 -11.95 -8.43 5.42
N VAL A 152 -12.82 -8.08 4.49
CA VAL A 152 -12.73 -6.76 3.82
C VAL A 152 -14.04 -5.97 3.75
N VAL A 153 -15.15 -6.61 4.06
CA VAL A 153 -16.44 -5.93 4.02
C VAL A 153 -17.10 -6.07 5.40
N LYS A 154 -17.44 -4.94 6.04
CA LYS A 154 -17.75 -4.93 7.50
C LYS A 154 -19.06 -5.66 7.90
N GLN A 155 -18.90 -6.73 8.66
CA GLN A 155 -20.00 -7.66 8.82
C GLN A 155 -20.95 -6.99 9.77
N VAL A 156 -21.96 -6.41 9.14
CA VAL A 156 -23.08 -5.68 9.80
C VAL A 156 -24.27 -6.59 10.25
N GLU A 157 -25.34 -5.95 10.74
CA GLU A 157 -26.52 -6.66 11.30
C GLU A 157 -27.25 -7.52 10.25
N HIS A 158 -27.80 -6.86 9.22
CA HIS A 158 -28.28 -7.52 7.99
C HIS A 158 -27.37 -7.03 6.88
N PRO A 159 -26.60 -7.93 6.24
CA PRO A 159 -25.66 -7.42 5.25
C PRO A 159 -26.31 -6.87 3.96
N LEU A 160 -25.72 -5.82 3.38
CA LEU A 160 -26.12 -5.24 2.12
C LEU A 160 -25.68 -6.05 0.92
N LEU A 161 -26.46 -5.90 -0.13
CA LEU A 161 -26.19 -6.58 -1.38
C LEU A 161 -24.82 -6.07 -1.93
N SER A 162 -24.50 -4.82 -1.67
CA SER A 162 -23.28 -4.22 -2.23
C SER A 162 -22.04 -4.98 -1.80
N GLY A 163 -22.01 -5.43 -0.58
CA GLY A 163 -20.90 -6.24 -0.09
C GLY A 163 -20.69 -7.55 -0.84
N LEU A 164 -21.73 -8.18 -1.36
CA LEU A 164 -21.55 -9.38 -2.23
C LEU A 164 -20.98 -9.08 -3.61
N LEU A 165 -21.09 -7.85 -4.06
CA LEU A 165 -20.59 -7.44 -5.37
C LEU A 165 -19.12 -7.10 -5.39
N TYR A 166 -18.58 -6.63 -4.27
CA TYR A 166 -17.17 -6.22 -4.19
C TYR A 166 -16.14 -7.24 -4.73
N PRO A 167 -16.21 -8.52 -4.34
CA PRO A 167 -15.17 -9.44 -4.82
C PRO A 167 -15.15 -9.56 -6.36
N GLY A 168 -16.33 -9.61 -7.00
CA GLY A 168 -16.40 -9.62 -8.43
C GLY A 168 -15.88 -8.37 -9.08
N LEU A 169 -16.22 -7.20 -8.55
CA LEU A 169 -15.74 -5.96 -9.17
C LEU A 169 -14.21 -5.91 -9.06
N GLN A 170 -13.68 -6.32 -7.91
CA GLN A 170 -12.21 -6.31 -7.75
C GLN A 170 -11.56 -7.32 -8.69
N ALA A 171 -12.14 -8.51 -8.88
CA ALA A 171 -11.60 -9.43 -9.86
C ALA A 171 -11.56 -8.87 -11.27
N LEU A 172 -12.66 -8.24 -11.67
CA LEU A 172 -12.79 -7.67 -13.02
C LEU A 172 -11.85 -6.53 -13.26
N ASP A 173 -11.56 -5.79 -12.21
CA ASP A 173 -10.48 -4.79 -12.27
C ASP A 173 -9.16 -5.32 -12.84
N GLU A 174 -8.79 -6.53 -12.52
CA GLU A 174 -7.52 -7.05 -12.94
C GLU A 174 -7.58 -7.14 -14.48
N GLU A 175 -8.73 -7.55 -15.02
CA GLU A 175 -8.89 -7.74 -16.46
C GLU A 175 -8.94 -6.41 -17.17
N TYR A 176 -9.75 -5.50 -16.66
CA TYR A 176 -10.01 -4.24 -17.33
C TYR A 176 -8.82 -3.31 -17.23
N LEU A 177 -8.00 -3.48 -16.19
CA LEU A 177 -6.76 -2.72 -16.16
C LEU A 177 -5.64 -3.44 -16.95
N LYS A 178 -5.89 -4.65 -17.47
CA LYS A 178 -4.95 -5.29 -18.38
C LYS A 178 -3.60 -5.49 -17.69
N VAL A 179 -3.64 -5.98 -16.46
CA VAL A 179 -2.45 -6.23 -15.66
C VAL A 179 -2.14 -7.72 -15.60
N ASP A 180 -0.91 -8.04 -15.22
CA ASP A 180 -0.48 -9.41 -14.98
C ASP A 180 -0.70 -9.78 -13.51
N ALA A 181 -0.82 -8.77 -12.65
CA ALA A 181 -0.72 -9.01 -11.24
C ALA A 181 -1.43 -7.93 -10.44
N GLN A 182 -1.87 -8.27 -9.24
CA GLN A 182 -2.35 -7.28 -8.32
C GLN A 182 -1.57 -7.44 -7.02
N PHE A 183 -1.24 -6.29 -6.39
CA PHE A 183 -0.63 -6.20 -5.11
C PHE A 183 -1.63 -5.70 -4.06
N GLY A 184 -1.68 -6.33 -2.89
CA GLY A 184 -2.34 -5.73 -1.70
C GLY A 184 -1.88 -6.36 -0.41
N GLY A 185 -2.73 -6.34 0.60
CA GLY A 185 -2.45 -6.94 1.90
C GLY A 185 -2.91 -8.40 1.95
N ILE A 186 -2.29 -9.16 2.85
CA ILE A 186 -2.61 -10.56 3.08
C ILE A 186 -4.09 -10.68 3.54
N ASP A 187 -4.66 -9.57 4.00
CA ASP A 187 -6.04 -9.58 4.41
C ASP A 187 -6.87 -9.96 3.19
N GLN A 188 -6.45 -9.48 2.03
CA GLN A 188 -7.23 -9.68 0.80
C GLN A 188 -7.09 -11.00 0.14
N ARG A 189 -6.47 -11.96 0.82
CA ARG A 189 -6.13 -13.21 0.17
C ARG A 189 -7.37 -13.89 -0.42
N LYS A 190 -8.44 -13.88 0.34
CA LYS A 190 -9.66 -14.56 -0.13
C LYS A 190 -10.29 -13.89 -1.32
N ILE A 191 -10.17 -12.57 -1.43
CA ILE A 191 -10.55 -11.85 -2.62
C ILE A 191 -9.69 -12.22 -3.79
N PHE A 192 -8.38 -12.37 -3.54
CA PHE A 192 -7.45 -12.71 -4.56
C PHE A 192 -7.63 -14.17 -5.07
N THR A 193 -7.91 -15.14 -4.21
CA THR A 193 -8.10 -16.51 -4.66
C THR A 193 -9.45 -16.66 -5.38
N PHE A 194 -10.46 -15.90 -4.93
CA PHE A 194 -11.72 -15.70 -5.64
C PHE A 194 -11.50 -15.22 -7.10
N ALA A 195 -10.70 -14.19 -7.28
CA ALA A 195 -10.30 -13.79 -8.63
C ALA A 195 -9.59 -14.85 -9.43
N GLU A 196 -8.70 -15.61 -8.80
CA GLU A 196 -7.96 -16.62 -9.52
C GLU A 196 -8.93 -17.73 -9.90
N LYS A 197 -9.95 -17.93 -9.08
CA LYS A 197 -10.90 -19.01 -9.35
C LYS A 197 -11.91 -18.61 -10.43
N TYR A 198 -12.49 -17.42 -10.33
CA TYR A 198 -13.57 -17.02 -11.22
C TYR A 198 -13.26 -16.25 -12.50
N LEU A 199 -12.11 -15.61 -12.64
CA LEU A 199 -11.82 -14.94 -13.89
C LEU A 199 -11.80 -15.95 -15.05
N PRO A 200 -11.26 -17.17 -14.83
CA PRO A 200 -11.24 -18.14 -15.94
C PRO A 200 -12.62 -18.56 -16.42
N ALA A 201 -13.60 -18.51 -15.54
CA ALA A 201 -14.97 -18.78 -15.96
C ALA A 201 -15.51 -17.71 -16.85
N LEU A 202 -14.85 -16.53 -16.94
CA LEU A 202 -15.27 -15.56 -17.93
C LEU A 202 -14.31 -15.58 -19.10
N GLY A 203 -13.45 -16.58 -19.13
CA GLY A 203 -12.48 -16.69 -20.23
C GLY A 203 -11.25 -15.80 -20.02
N TYR A 204 -11.04 -15.23 -18.83
CA TYR A 204 -9.89 -14.33 -18.59
C TYR A 204 -8.83 -15.05 -17.79
N SER A 205 -7.59 -14.59 -17.89
CA SER A 205 -6.56 -15.31 -17.23
C SER A 205 -6.55 -14.93 -15.76
N LYS A 206 -6.13 -15.90 -14.97
CA LYS A 206 -5.84 -15.63 -13.59
C LYS A 206 -4.58 -14.79 -13.44
N ARG A 207 -4.57 -13.96 -12.42
CA ARG A 207 -3.44 -13.08 -12.20
C ARG A 207 -2.51 -13.62 -11.07
N VAL A 208 -1.23 -13.23 -11.12
CA VAL A 208 -0.33 -13.17 -10.00
C VAL A 208 -0.86 -12.27 -8.86
N HIS A 209 -0.70 -12.72 -7.63
CA HIS A 209 -1.14 -11.97 -6.49
C HIS A 209 0.02 -11.81 -5.51
N LEU A 210 0.35 -10.57 -5.20
CA LEU A 210 1.45 -10.24 -4.30
C LEU A 210 0.85 -9.65 -3.03
N MET A 211 1.13 -10.30 -1.92
CA MET A 211 0.51 -9.90 -0.63
C MET A 211 1.50 -9.48 0.47
N ASN A 212 1.35 -8.25 0.93
CA ASN A 212 2.16 -7.72 2.07
C ASN A 212 1.63 -8.27 3.38
N PRO A 213 2.48 -8.39 4.42
CA PRO A 213 1.92 -8.72 5.70
C PRO A 213 1.07 -7.58 6.25
N MET A 214 0.29 -7.92 7.27
CA MET A 214 -0.37 -6.93 8.16
C MET A 214 0.71 -6.36 9.06
N VAL A 215 0.96 -5.09 9.01
CA VAL A 215 2.07 -4.57 9.80
C VAL A 215 1.53 -3.66 10.88
N PRO A 216 1.95 -3.89 12.12
CA PRO A 216 1.52 -3.11 13.29
C PRO A 216 1.74 -1.60 13.04
N GLY A 217 0.86 -0.78 13.57
CA GLY A 217 0.94 0.66 13.39
C GLY A 217 2.14 1.27 14.15
N LEU A 218 2.68 2.31 13.56
CA LEU A 218 3.74 3.04 14.17
C LEU A 218 3.37 3.52 15.58
N THR A 219 2.16 4.03 15.76
CA THR A 219 1.78 4.80 16.96
C THR A 219 1.08 4.06 18.13
N GLY A 220 1.09 2.74 18.07
CA GLY A 220 0.17 1.86 18.83
C GLY A 220 -0.67 0.94 17.96
N SER A 230 -5.50 10.57 15.92
CA SER A 230 -4.11 10.80 16.39
C SER A 230 -3.03 9.78 15.83
N LYS A 231 -3.31 9.21 14.65
CA LYS A 231 -2.30 8.59 13.79
C LYS A 231 -1.43 9.76 13.32
N ILE A 232 -0.25 9.50 12.84
CA ILE A 232 0.54 10.57 12.24
C ILE A 232 0.03 10.84 10.85
N ASP A 233 -0.47 12.05 10.63
CA ASP A 233 -0.92 12.50 9.30
C ASP A 233 0.23 12.82 8.40
N LEU A 234 0.08 12.58 7.09
CA LEU A 234 1.16 12.86 6.15
C LEU A 234 1.58 14.37 6.16
N LEU A 235 0.69 15.26 6.60
CA LEU A 235 1.00 16.67 6.66
C LEU A 235 1.19 17.17 8.11
N ASP A 236 1.30 16.31 9.10
CA ASP A 236 1.57 16.77 10.46
C ASP A 236 2.86 17.49 10.54
N ARG A 237 2.93 18.50 11.39
CA ARG A 237 4.16 19.27 11.54
C ARG A 237 5.18 18.43 12.27
N LYS A 238 6.45 18.78 12.15
CA LYS A 238 7.55 18.11 12.86
C LYS A 238 7.22 17.88 14.33
N GLU A 239 6.76 18.94 14.96
CA GLU A 239 6.50 18.93 16.41
C GLU A 239 5.44 17.84 16.71
N ASP A 240 4.43 17.70 15.86
CA ASP A 240 3.44 16.68 16.18
C ASP A 240 3.93 15.26 15.88
N VAL A 241 4.79 15.12 14.88
CA VAL A 241 5.45 13.85 14.65
C VAL A 241 6.23 13.37 15.86
N LYS A 242 7.09 14.23 16.38
CA LYS A 242 7.79 14.01 17.62
C LYS A 242 6.89 13.61 18.74
N LYS A 243 5.90 14.45 19.02
CA LYS A 243 5.00 14.15 20.09
C LYS A 243 4.36 12.76 19.90
N LYS A 244 3.90 12.47 18.69
CA LYS A 244 3.19 11.19 18.47
C LYS A 244 4.15 9.99 18.57
N LEU A 245 5.39 10.16 18.15
CA LEU A 245 6.31 9.04 18.21
C LEU A 245 6.71 8.74 19.67
N LYS A 246 6.89 9.79 20.46
CA LYS A 246 7.31 9.61 21.86
C LYS A 246 6.25 8.84 22.63
N LYS A 247 4.99 9.01 22.24
CA LYS A 247 3.84 8.23 22.73
C LYS A 247 3.78 6.79 22.24
N ALA A 248 4.57 6.39 21.24
CA ALA A 248 4.35 5.07 20.64
C ALA A 248 4.97 3.95 21.48
N PHE A 249 4.37 2.78 21.39
CA PHE A 249 4.80 1.66 22.18
C PHE A 249 6.02 1.13 21.47
N CYS A 250 7.07 0.97 22.26
CA CYS A 250 8.21 0.19 21.88
C CYS A 250 8.55 -0.54 23.16
N GLU A 251 8.57 -1.87 23.11
CA GLU A 251 9.08 -2.60 24.24
C GLU A 251 10.54 -2.99 24.05
N PRO A 252 11.43 -2.68 25.05
CA PRO A 252 12.84 -3.14 24.92
C PRO A 252 12.95 -4.59 24.51
N GLY A 253 13.84 -4.93 23.58
CA GLY A 253 14.07 -6.35 23.28
C GLY A 253 12.99 -7.03 22.41
N ASN A 254 11.83 -6.42 22.27
CA ASN A 254 10.73 -7.05 21.52
C ASN A 254 10.85 -6.78 20.02
N VAL A 255 11.14 -7.84 19.29
CA VAL A 255 11.23 -7.75 17.87
C VAL A 255 10.04 -8.28 17.07
N GLU A 256 9.13 -9.04 17.67
CA GLU A 256 8.07 -9.69 16.88
C GLU A 256 6.88 -8.78 16.70
N ASN A 257 6.69 -7.87 17.66
CA ASN A 257 5.47 -7.05 17.74
C ASN A 257 5.87 -5.58 17.97
N ASN A 258 6.45 -4.96 16.96
CA ASN A 258 7.08 -3.67 17.21
C ASN A 258 6.84 -2.86 16.01
N GLY A 259 5.93 -1.93 16.14
CA GLY A 259 5.49 -1.12 15.01
C GLY A 259 6.59 -0.14 14.54
N VAL A 260 7.51 0.24 15.45
CA VAL A 260 8.64 1.11 15.10
C VAL A 260 9.61 0.34 14.22
N LEU A 261 9.95 -0.88 14.65
CA LEU A 261 10.75 -1.75 13.82
C LEU A 261 10.10 -2.18 12.50
N SER A 262 8.80 -2.42 12.48
CA SER A 262 8.09 -2.76 11.19
C SER A 262 8.10 -1.61 10.23
N PHE A 263 8.05 -0.38 10.77
CA PHE A 263 8.16 0.80 9.88
C PHE A 263 9.56 0.85 9.25
N ILE A 264 10.57 0.50 10.03
CA ILE A 264 11.92 0.46 9.52
C ILE A 264 11.98 -0.67 8.52
N LYS A 265 11.51 -1.83 8.92
CA LYS A 265 11.61 -2.96 7.97
C LYS A 265 10.89 -2.71 6.61
N HIS A 266 9.71 -2.10 6.66
CA HIS A 266 8.88 -2.03 5.44
C HIS A 266 9.00 -0.76 4.67
N VAL A 267 9.44 0.34 5.32
CA VAL A 267 9.54 1.62 4.65
C VAL A 267 11.00 2.18 4.63
N LEU A 268 11.71 2.22 5.77
CA LEU A 268 12.94 3.06 5.84
C LEU A 268 14.09 2.28 5.35
N PHE A 269 14.18 1.02 5.76
CA PHE A 269 15.28 0.21 5.32
C PHE A 269 15.35 0.04 3.81
N PRO A 270 14.25 -0.26 3.16
CA PRO A 270 14.26 -0.38 1.70
C PRO A 270 14.62 0.88 0.89
N LEU A 271 14.52 2.09 1.47
CA LEU A 271 14.96 3.31 0.79
C LEU A 271 16.28 3.15 0.18
N LYS A 272 17.24 2.68 0.98
CA LYS A 272 18.61 2.53 0.52
C LYS A 272 19.21 1.21 0.85
N SER A 273 18.39 0.28 1.30
CA SER A 273 18.90 -0.97 1.86
C SER A 273 19.95 -0.58 2.94
N GLU A 274 19.57 0.40 3.76
CA GLU A 274 20.42 0.90 4.82
C GLU A 274 19.57 1.45 5.93
N PHE A 275 19.99 1.27 7.16
CA PHE A 275 19.47 2.15 8.20
C PHE A 275 20.47 2.59 9.30
N VAL A 276 20.33 3.84 9.71
CA VAL A 276 21.27 4.42 10.61
C VAL A 276 20.60 4.53 11.93
N ILE A 277 21.15 3.88 12.93
CA ILE A 277 20.65 4.10 14.31
CA ILE A 277 20.66 4.09 14.28
C ILE A 277 21.52 5.19 14.91
N LEU A 278 20.88 6.21 15.42
CA LEU A 278 21.49 7.28 16.08
C LEU A 278 21.56 6.91 17.60
N ARG A 279 22.77 6.93 18.16
CA ARG A 279 23.00 6.43 19.52
C ARG A 279 24.13 7.29 20.09
N ASP A 280 24.04 7.64 21.34
CA ASP A 280 25.12 8.35 21.99
C ASP A 280 26.40 7.54 21.99
N GLU A 281 27.52 8.27 22.02
CA GLU A 281 28.90 7.71 22.16
C GLU A 281 29.00 6.68 23.27
N LYS A 282 28.45 7.03 24.40
CA LYS A 282 28.44 6.16 25.57
C LYS A 282 28.03 4.73 25.28
N TRP A 283 27.02 4.56 24.46
CA TRP A 283 26.50 3.22 24.03
C TRP A 283 27.02 2.73 22.69
N GLY A 284 28.12 3.34 22.26
CA GLY A 284 28.78 2.91 21.03
C GLY A 284 28.70 3.84 19.82
N GLY A 285 27.94 4.92 19.90
CA GLY A 285 27.82 5.85 18.75
C GLY A 285 26.87 5.27 17.69
N ASN A 286 26.71 5.98 16.58
CA ASN A 286 25.84 5.54 15.52
C ASN A 286 26.25 4.23 14.97
N LYS A 287 25.32 3.50 14.37
CA LYS A 287 25.69 2.30 13.69
C LYS A 287 24.84 2.21 12.42
N THR A 288 25.43 1.74 11.31
CA THR A 288 24.77 1.69 10.04
C THR A 288 24.56 0.20 9.75
N TYR A 289 23.34 -0.18 9.47
CA TYR A 289 22.97 -1.57 9.22
C TYR A 289 22.70 -1.69 7.72
N THR A 290 23.23 -2.73 7.08
CA THR A 290 23.00 -3.04 5.68
C THR A 290 22.12 -4.29 5.53
N ALA A 291 21.79 -4.97 6.61
CA ALA A 291 20.60 -5.87 6.56
C ALA A 291 19.75 -5.73 7.79
N TYR A 292 18.45 -5.85 7.57
CA TYR A 292 17.48 -5.68 8.62
C TYR A 292 17.69 -6.67 9.76
N VAL A 293 18.00 -7.92 9.41
CA VAL A 293 18.20 -8.94 10.41
C VAL A 293 19.33 -8.55 11.41
N ASP A 294 20.29 -7.77 10.98
CA ASP A 294 21.34 -7.32 11.90
C ASP A 294 20.78 -6.30 12.95
N LEU A 295 19.87 -5.40 12.51
CA LEU A 295 19.23 -4.44 13.38
C LEU A 295 18.39 -5.22 14.37
N GLU A 296 17.68 -6.22 13.84
CA GLU A 296 16.74 -6.96 14.64
C GLU A 296 17.50 -7.64 15.77
N LYS A 297 18.61 -8.27 15.41
CA LYS A 297 19.44 -8.96 16.39
C LYS A 297 20.02 -7.98 17.44
N ASP A 298 20.45 -6.79 17.05
CA ASP A 298 20.90 -5.82 18.06
C ASP A 298 19.72 -5.34 18.90
N PHE A 299 18.53 -5.20 18.32
CA PHE A 299 17.40 -4.81 19.12
C PHE A 299 17.00 -5.89 20.14
N ALA A 300 17.00 -7.15 19.70
CA ALA A 300 16.70 -8.23 20.60
C ALA A 300 17.74 -8.34 21.73
N ALA A 301 19.00 -8.08 21.40
CA ALA A 301 20.05 -8.02 22.39
C ALA A 301 20.06 -6.76 23.30
N GLU A 302 19.17 -5.82 23.00
CA GLU A 302 18.97 -4.58 23.82
C GLU A 302 20.21 -3.64 23.81
N VAL A 303 20.95 -3.66 22.69
CA VAL A 303 21.97 -2.66 22.38
C VAL A 303 21.50 -1.55 21.47
N VAL A 304 20.23 -1.60 21.07
CA VAL A 304 19.55 -0.49 20.50
C VAL A 304 18.32 -0.25 21.41
N HIS A 305 18.30 0.90 22.08
CA HIS A 305 17.21 1.21 22.99
C HIS A 305 16.01 1.75 22.23
N PRO A 306 14.82 1.50 22.76
CA PRO A 306 13.57 1.98 22.19
C PRO A 306 13.67 3.46 21.88
N GLY A 307 14.18 4.26 22.81
CA GLY A 307 14.23 5.73 22.58
C GLY A 307 15.16 6.12 21.45
N ASP A 308 16.22 5.34 21.26
CA ASP A 308 17.10 5.61 20.13
C ASP A 308 16.50 5.12 18.80
N LEU A 309 15.78 4.03 18.86
CA LEU A 309 15.08 3.53 17.66
C LEU A 309 13.99 4.55 17.21
N LYS A 310 13.24 5.08 18.15
CA LYS A 310 12.24 6.12 17.85
C LYS A 310 12.83 7.36 17.30
N ASN A 311 13.88 7.81 17.92
CA ASN A 311 14.65 8.84 17.29
C ASN A 311 15.14 8.75 15.89
N SER A 312 15.79 7.66 15.58
CA SER A 312 16.24 7.33 14.22
C SER A 312 15.06 7.28 13.25
N VAL A 313 13.91 6.78 13.70
CA VAL A 313 12.69 6.86 12.88
C VAL A 313 12.17 8.27 12.76
N GLU A 314 12.16 9.02 13.85
CA GLU A 314 11.65 10.35 13.75
C GLU A 314 12.38 11.14 12.71
N VAL A 315 13.71 11.11 12.74
CA VAL A 315 14.51 11.80 11.73
C VAL A 315 14.25 11.40 10.27
N ALA A 316 14.23 10.10 10.04
CA ALA A 316 14.05 9.60 8.69
C ALA A 316 12.66 9.89 8.25
N LEU A 317 11.67 9.77 9.17
CA LEU A 317 10.24 10.02 8.81
C LEU A 317 10.01 11.48 8.47
N ASN A 318 10.51 12.37 9.31
CA ASN A 318 10.54 13.79 8.94
C ASN A 318 11.17 14.17 7.60
N LYS A 319 12.27 13.52 7.24
CA LYS A 319 12.89 13.74 5.95
C LYS A 319 11.90 13.29 4.82
N LEU A 320 11.18 12.18 5.03
CA LEU A 320 10.13 11.74 4.10
C LEU A 320 8.99 12.70 3.93
N LEU A 321 8.54 13.25 5.05
CA LEU A 321 7.37 14.06 5.10
C LEU A 321 7.67 15.50 4.65
N ASP A 322 8.89 15.99 4.83
CA ASP A 322 9.18 17.40 4.48
C ASP A 322 8.78 17.84 3.07
N PRO A 323 9.25 17.16 2.04
CA PRO A 323 8.79 17.46 0.68
C PRO A 323 7.24 17.43 0.44
N ILE A 324 6.53 16.59 1.18
CA ILE A 324 5.10 16.51 1.02
C ILE A 324 4.47 17.74 1.67
N ARG A 325 4.99 18.11 2.84
CA ARG A 325 4.48 19.29 3.54
C ARG A 325 4.69 20.59 2.75
N GLU A 326 5.86 20.72 2.14
CA GLU A 326 6.20 21.85 1.27
C GLU A 326 5.29 21.86 0.05
N LYS A 327 5.22 20.76 -0.67
CA LYS A 327 4.31 20.69 -1.82
C LYS A 327 2.89 21.07 -1.40
N PHE A 328 2.42 20.54 -0.29
CA PHE A 328 1.01 20.83 0.10
C PHE A 328 0.81 22.20 0.76
N ASN A 329 1.84 23.02 0.73
CA ASN A 329 1.78 24.35 1.32
C ASN A 329 1.44 25.48 0.33
N THR A 330 1.53 25.22 -0.96
CA THR A 330 0.82 25.97 -1.99
C THR A 330 -0.64 26.31 -1.75
N PRO A 331 -1.08 27.52 -2.13
CA PRO A 331 -2.51 27.76 -1.96
C PRO A 331 -3.38 26.72 -2.65
N ALA A 332 -3.04 26.27 -3.86
CA ALA A 332 -3.93 25.33 -4.58
C ALA A 332 -4.15 24.04 -3.73
N LEU A 333 -3.04 23.42 -3.30
CA LEU A 333 -3.12 22.25 -2.40
C LEU A 333 -3.63 22.48 -1.02
N LYS A 334 -3.33 23.63 -0.41
CA LYS A 334 -4.00 23.98 0.87
C LYS A 334 -5.52 24.05 0.72
N LYS A 335 -5.99 24.67 -0.35
CA LYS A 335 -7.43 24.72 -0.59
C LYS A 335 -8.03 23.29 -0.81
N LEU A 336 -7.30 22.45 -1.53
CA LEU A 336 -7.76 21.06 -1.74
C LEU A 336 -7.90 20.32 -0.42
N ALA A 337 -6.87 20.34 0.41
CA ALA A 337 -6.94 19.61 1.70
C ALA A 337 -8.10 20.03 2.62
N SER A 338 -8.33 21.34 2.64
CA SER A 338 -9.42 21.94 3.39
C SER A 338 -10.76 21.54 2.83
N ALA A 339 -10.90 21.58 1.49
CA ALA A 339 -12.16 21.19 0.86
C ALA A 339 -12.39 19.64 0.84
N ALA A 340 -11.33 18.86 0.65
CA ALA A 340 -11.45 17.40 0.66
C ALA A 340 -11.87 16.93 2.05
N TYR A 341 -11.25 17.48 3.09
CA TYR A 341 -11.46 17.05 4.49
C TYR A 341 -12.01 18.21 5.42
N PRO A 342 -13.25 18.68 5.14
CA PRO A 342 -13.89 19.74 5.92
C PRO A 342 -14.67 19.18 7.11
C1 STL B . -13.94 -2.32 -0.58
C2 STL B . -14.18 -3.51 -1.32
C3 STL B . -13.17 -4.06 -2.14
C4 STL B . -11.95 -3.37 -2.18
C5 STL B . -11.77 -2.18 -1.46
C6 STL B . -12.75 -1.67 -0.63
C7 STL B . -10.52 -1.44 -1.56
C8 STL B . -9.82 -1.07 -2.62
C9 STL B . -9.76 -1.65 -3.99
C10 STL B . -10.89 -1.62 -4.78
C11 STL B . -10.91 -2.20 -6.06
C12 STL B . -9.79 -2.84 -6.53
C13 STL B . -8.67 -2.93 -5.73
C14 STL B . -8.65 -2.33 -4.46
O1 STL B . -9.76 -3.46 -7.73
O2 STL B . -13.33 -5.19 -2.94
O3 STL B . -14.86 -1.74 0.22
S SO4 C . 13.08 -14.88 -0.29
O1 SO4 C . 12.04 -14.31 -1.19
O2 SO4 C . 14.34 -14.11 -0.40
O3 SO4 C . 13.30 -16.27 -0.75
O4 SO4 C . 12.63 -14.85 1.10
S SO4 D . 2.21 -13.02 -22.32
O1 SO4 D . 2.11 -14.14 -23.28
O2 SO4 D . 2.26 -11.71 -23.06
O3 SO4 D . 1.05 -13.11 -21.43
O4 SO4 D . 3.45 -13.18 -21.54
S SO4 E . 15.71 4.73 26.15
O1 SO4 E . 16.47 5.64 25.23
O2 SO4 E . 14.81 3.73 25.48
O3 SO4 E . 14.97 5.56 27.11
O4 SO4 E . 16.74 3.87 26.81
S SO4 F . 17.28 -6.13 0.24
O1 SO4 F . 17.92 -5.80 -1.09
O2 SO4 F . 17.20 -4.91 1.10
O3 SO4 F . 15.93 -6.70 0.13
O4 SO4 F . 18.07 -7.18 0.92
S SO4 G . 27.36 11.77 22.25
O1 SO4 G . 26.04 12.46 22.24
O2 SO4 G . 28.49 12.65 21.83
O3 SO4 G . 27.29 10.70 21.23
O4 SO4 G . 27.59 11.28 23.64
S SO4 H . -0.12 3.99 12.04
O1 SO4 H . 1.03 3.23 11.42
O2 SO4 H . -0.30 5.28 11.23
O3 SO4 H . -1.36 3.12 12.12
O4 SO4 H . 0.12 4.26 13.49
CL CL I . 7.27 -8.94 8.41
C1 GOL J . -19.62 2.00 -22.68
O1 GOL J . -18.88 3.23 -22.50
C2 GOL J . -18.76 1.15 -23.65
O2 GOL J . -17.97 2.09 -24.39
C3 GOL J . -17.80 0.21 -22.87
O3 GOL J . -17.83 -1.20 -23.13
C1 GOL K . -11.24 -10.20 12.38
O1 GOL K . -10.26 -9.75 13.34
C2 GOL K . -10.64 -10.06 10.98
O2 GOL K . -9.52 -10.96 10.91
C3 GOL K . -11.72 -10.31 9.91
O3 GOL K . -12.26 -11.65 9.96
P PO4 L . -4.83 -22.03 -1.08
O1 PO4 L . -3.96 -21.27 -2.06
O2 PO4 L . -5.16 -23.41 -1.60
O3 PO4 L . -6.08 -21.20 -0.89
O4 PO4 L . -4.07 -22.24 0.21
P PO4 M . 10.78 -11.87 6.28
O1 PO4 M . 10.65 -10.42 5.82
O2 PO4 M . 11.58 -12.58 5.18
O3 PO4 M . 9.42 -12.47 6.54
O4 PO4 M . 11.53 -12.03 7.61
#